data_4K9B
#
_entry.id   4K9B
#
_cell.length_a   85.311
_cell.length_b   98.278
_cell.length_c   130.032
_cell.angle_alpha   90.00
_cell.angle_beta   90.00
_cell.angle_gamma   90.00
#
_symmetry.space_group_name_H-M   'I 2 2 2'
#
loop_
_entity.id
_entity.type
_entity.pdbx_description
1 polymer 'Cyclic GMP-AMP synthase'
2 polymer DNA-F
3 polymer DNA-R
4 non-polymer 'ZINC ION'
5 non-polymer 'PHOSPHATE ION'
6 non-polymer "GUANOSINE-5'-MONOPHOSPHATE"
7 non-polymer 'ADENOSINE MONOPHOSPHATE'
8 water water
#
loop_
_entity_poly.entity_id
_entity_poly.type
_entity_poly.pdbx_seq_one_letter_code
_entity_poly.pdbx_strand_id
1 'polypeptide(L)'
;SPDKLKKVLDKLRLKRKDISEAAETVNKVVERLLRRMQKRESEFKGVEQLNTGSYYEHVKISAPNEFDVMFKLEVPRIEL
QEYYETGAFYLVKFKRIPRGNPLSHFLEGEVLSATKMLSKFRKIIKEEVKEIKDIDVSVEKEKPGSPAVTLLIRNPEEIS
VDIILALESKGSWPISTKEGLPIQGWLGTKVRTNLRREPFYLVPKNAKDGNSFQGETWRLSFSHTEKYILNNHGIEKTCC
ESSGAKCCRKECLKLMKYLLEQLKKEFQELDAFCSYHVKTAIFHMWTQDPQDSQWDPRNLSSCFDKLLAFFLECLRTEKL
DHYFIPKFNLFSQELIDRKSKEFLSKKIEYERNNGFPIFDKL
;
A
2 'polydeoxyribonucleotide' (DA)(DA)(DA)(DT)(DT)(DG)(DC)(DC)(DG)(DA)(DA)(DG)(DA)(DC)(DG)(DA)(DA) D
3 'polydeoxyribonucleotide' (DT)(DT)(DT)(DC)(DG)(DT)(DC)(DT)(DT)(DC)(DG)(DG)(DC)(DA)(DA)(DT)(DT) E
#
loop_
_chem_comp.id
_chem_comp.type
_chem_comp.name
_chem_comp.formula
5GP non-polymer GUANOSINE-5'-MONOPHOSPHATE 'C10 H14 N5 O8 P'
AMP non-polymer 'ADENOSINE MONOPHOSPHATE' 'C10 H14 N5 O7 P'
DA DNA linking 2'-DEOXYADENOSINE-5'-MONOPHOSPHATE 'C10 H14 N5 O6 P'
DC DNA linking 2'-DEOXYCYTIDINE-5'-MONOPHOSPHATE 'C9 H14 N3 O7 P'
DG DNA linking 2'-DEOXYGUANOSINE-5'-MONOPHOSPHATE 'C10 H14 N5 O7 P'
DT DNA linking THYMIDINE-5'-MONOPHOSPHATE 'C10 H15 N2 O8 P'
PO4 non-polymer 'PHOSPHATE ION' 'O4 P -3'
ZN non-polymer 'ZINC ION' 'Zn 2'
#
# COMPACT_ATOMS: atom_id res chain seq x y z
N LYS A 4 24.45 3.74 -15.70
CA LYS A 4 23.48 4.83 -15.74
C LYS A 4 22.34 4.59 -14.75
N LEU A 5 21.57 3.52 -14.98
CA LEU A 5 20.54 3.10 -14.05
C LEU A 5 21.16 2.90 -12.68
N LYS A 6 22.39 2.37 -12.68
CA LYS A 6 23.18 2.20 -11.47
C LYS A 6 23.37 3.53 -10.75
N LYS A 7 23.67 4.58 -11.50
CA LYS A 7 23.90 5.87 -10.87
C LYS A 7 22.60 6.46 -10.34
N VAL A 8 21.48 6.19 -11.02
CA VAL A 8 20.19 6.62 -10.48
C VAL A 8 19.93 5.94 -9.13
N LEU A 9 20.07 4.63 -9.08
CA LEU A 9 19.83 3.91 -7.83
C LEU A 9 20.67 4.47 -6.67
N ASP A 10 21.94 4.81 -6.92
CA ASP A 10 22.80 5.42 -5.91
C ASP A 10 22.20 6.72 -5.39
N LYS A 11 21.59 7.47 -6.30
CA LYS A 11 20.95 8.72 -5.94
C LYS A 11 19.69 8.47 -5.13
N LEU A 12 18.93 7.43 -5.51
CA LEU A 12 17.70 7.03 -4.81
C LEU A 12 17.95 6.37 -3.45
N ARG A 13 19.17 5.91 -3.23
CA ARG A 13 19.45 5.17 -2.00
C ARG A 13 19.33 6.08 -0.76
N LEU A 14 18.65 5.58 0.27
CA LEU A 14 18.45 6.34 1.51
C LEU A 14 19.76 6.47 2.32
N LYS A 15 19.92 7.57 3.05
CA LYS A 15 21.12 7.81 3.87
C LYS A 15 20.87 7.33 5.30
N ARG A 16 21.83 6.61 5.87
CA ARG A 16 21.67 6.05 7.21
C ARG A 16 21.38 7.15 8.26
N LYS A 17 22.06 8.28 8.14
CA LYS A 17 21.82 9.39 9.05
C LYS A 17 20.38 9.94 8.97
N ASP A 18 19.84 10.05 7.75
CA ASP A 18 18.46 10.50 7.56
C ASP A 18 17.48 9.48 8.14
N ILE A 19 17.77 8.19 7.92
CA ILE A 19 16.95 7.12 8.48
C ILE A 19 16.92 7.18 10.00
N SER A 20 18.08 7.40 10.64
CA SER A 20 18.13 7.45 12.10
C SER A 20 17.28 8.59 12.68
N GLU A 21 17.44 9.79 12.12
CA GLU A 21 16.72 10.97 12.59
C GLU A 21 15.21 10.83 12.37
N ALA A 22 14.82 10.31 11.22
CA ALA A 22 13.40 10.16 10.89
C ALA A 22 12.71 9.08 11.76
N ALA A 23 13.32 7.90 11.82
CA ALA A 23 12.83 6.77 12.62
C ALA A 23 12.65 7.12 14.10
N GLU A 24 13.66 7.74 14.70
CA GLU A 24 13.58 8.11 16.11
C GLU A 24 12.30 8.91 16.38
N THR A 25 12.06 9.94 15.57
CA THR A 25 10.89 10.81 15.77
C THR A 25 9.59 10.09 15.46
N VAL A 26 9.54 9.37 14.35
CA VAL A 26 8.35 8.65 13.93
C VAL A 26 7.90 7.61 14.96
N ASN A 27 8.82 6.75 15.40
CA ASN A 27 8.54 5.76 16.43
C ASN A 27 8.03 6.37 17.75
N LYS A 28 8.60 7.50 18.15
CA LYS A 28 8.17 8.15 19.39
C LYS A 28 6.70 8.53 19.27
N VAL A 29 6.34 9.13 18.14
CA VAL A 29 4.97 9.63 17.93
C VAL A 29 3.97 8.48 17.79
N VAL A 30 4.30 7.48 16.99
CA VAL A 30 3.42 6.34 16.79
C VAL A 30 3.16 5.60 18.11
N GLU A 31 4.22 5.33 18.87
CA GLU A 31 4.13 4.58 20.13
C GLU A 31 3.20 5.31 21.09
N ARG A 32 3.32 6.63 21.12
CA ARG A 32 2.46 7.45 21.94
C ARG A 32 0.97 7.35 21.50
N LEU A 33 0.73 7.38 20.18
CA LEU A 33 -0.62 7.21 19.64
C LEU A 33 -1.25 5.85 19.96
N LEU A 34 -0.44 4.80 19.82
CA LEU A 34 -0.89 3.43 20.07
C LEU A 34 -1.24 3.29 21.56
N ARG A 35 -0.40 3.86 22.42
CA ARG A 35 -0.62 3.83 23.86
C ARG A 35 -1.97 4.48 24.22
N ARG A 36 -2.28 5.59 23.56
CA ARG A 36 -3.54 6.31 23.76
C ARG A 36 -4.77 5.46 23.41
N MET A 37 -4.66 4.70 22.31
CA MET A 37 -5.74 3.81 21.88
C MET A 37 -6.01 2.74 22.90
N GLN A 38 -4.98 2.36 23.66
CA GLN A 38 -5.08 1.25 24.60
C GLN A 38 -5.75 1.64 25.91
N LYS A 39 -5.95 2.93 26.10
CA LYS A 39 -6.25 3.45 27.42
C LYS A 39 -7.26 4.58 27.34
N ARG A 40 -8.44 4.34 27.91
CA ARG A 40 -8.71 3.10 28.63
C ARG A 40 -10.10 2.61 28.25
N GLU A 41 -11.09 3.47 28.45
CA GLU A 41 -12.45 3.23 27.95
C GLU A 41 -12.54 3.63 26.48
N SER A 42 -11.59 3.16 25.69
CA SER A 42 -11.54 3.42 24.26
C SER A 42 -12.13 2.22 23.52
N GLU A 43 -12.89 2.46 22.46
CA GLU A 43 -13.42 1.37 21.66
C GLU A 43 -12.31 0.64 20.91
N PHE A 44 -11.18 1.31 20.73
CA PHE A 44 -10.07 0.76 19.95
C PHE A 44 -9.04 0.07 20.82
N LYS A 45 -9.44 -0.27 22.05
CA LYS A 45 -8.51 -0.70 23.09
C LYS A 45 -7.50 -1.80 22.71
N GLY A 46 -7.95 -2.84 22.02
CA GLY A 46 -7.01 -3.89 21.64
C GLY A 46 -6.21 -3.73 20.35
N VAL A 47 -6.08 -2.51 19.81
CA VAL A 47 -5.38 -2.37 18.53
C VAL A 47 -3.91 -2.77 18.67
N GLU A 48 -3.40 -3.46 17.65
CA GLU A 48 -1.98 -3.77 17.54
C GLU A 48 -1.40 -3.11 16.30
N GLN A 49 -0.10 -2.84 16.37
CA GLN A 49 0.59 -2.12 15.32
C GLN A 49 1.22 -3.10 14.32
N LEU A 50 1.05 -2.80 13.04
CA LEU A 50 1.78 -3.48 11.97
C LEU A 50 2.31 -2.38 11.03
N ASN A 51 3.63 -2.32 10.87
CA ASN A 51 4.23 -1.35 9.95
C ASN A 51 4.19 -1.85 8.50
N THR A 52 3.79 -0.98 7.59
CA THR A 52 3.51 -1.41 6.22
C THR A 52 4.06 -0.42 5.19
N GLY A 53 4.02 -0.81 3.92
CA GLY A 53 4.39 0.13 2.86
C GLY A 53 5.87 0.29 2.55
N SER A 54 6.18 1.25 1.68
CA SER A 54 7.47 1.29 0.98
C SER A 54 8.69 1.22 1.90
N TYR A 55 8.68 2.02 2.96
CA TYR A 55 9.80 2.07 3.89
C TYR A 55 10.07 0.73 4.58
N TYR A 56 9.03 0.06 5.09
CA TYR A 56 9.22 -1.24 5.76
C TYR A 56 9.36 -2.36 4.78
N GLU A 57 9.19 -2.08 3.48
CA GLU A 57 9.41 -3.10 2.46
C GLU A 57 10.81 -2.89 1.88
N HIS A 58 11.48 -1.82 2.32
CA HIS A 58 12.80 -1.43 1.84
C HIS A 58 12.77 -1.03 0.36
N VAL A 59 11.66 -0.45 -0.10
CA VAL A 59 11.62 0.07 -1.47
C VAL A 59 11.31 1.56 -1.50
N LYS A 60 11.39 2.20 -0.33
CA LYS A 60 11.30 3.66 -0.23
C LYS A 60 12.51 4.31 -0.89
N ILE A 61 12.27 5.33 -1.72
CA ILE A 61 13.35 6.01 -2.45
C ILE A 61 13.62 7.46 -2.01
N SER A 62 14.81 7.98 -2.33
CA SER A 62 15.19 9.40 -2.20
C SER A 62 15.35 9.91 -0.76
N ALA A 63 14.31 9.77 0.05
CA ALA A 63 14.32 10.20 1.43
C ALA A 63 13.30 9.44 2.26
N PRO A 64 13.62 9.22 3.53
CA PRO A 64 12.70 8.56 4.47
C PRO A 64 11.67 9.57 5.01
N ASN A 65 10.76 10.04 4.15
CA ASN A 65 9.82 11.10 4.50
C ASN A 65 8.34 10.68 4.45
N GLU A 66 8.11 9.37 4.30
CA GLU A 66 6.75 8.77 4.24
C GLU A 66 6.72 7.44 4.97
N PHE A 67 5.87 7.34 5.99
CA PHE A 67 5.74 6.10 6.75
C PHE A 67 4.28 5.70 6.84
N ASP A 68 4.03 4.40 6.66
CA ASP A 68 2.68 3.85 6.72
C ASP A 68 2.61 2.87 7.89
N VAL A 69 1.56 2.98 8.70
CA VAL A 69 1.38 2.10 9.86
C VAL A 69 -0.09 1.72 10.04
N MET A 70 -0.35 0.43 10.26
CA MET A 70 -1.70 -0.09 10.48
C MET A 70 -1.95 -0.31 11.97
N PHE A 71 -3.05 0.25 12.46
CA PHE A 71 -3.53 -0.08 13.80
C PHE A 71 -4.66 -1.07 13.61
N LYS A 72 -4.41 -2.33 13.93
CA LYS A 72 -5.37 -3.35 13.54
C LYS A 72 -6.15 -3.87 14.75
N LEU A 73 -7.48 -3.89 14.59
CA LEU A 73 -8.40 -4.35 15.62
C LEU A 73 -9.05 -5.70 15.25
N GLU A 74 -8.74 -6.74 16.02
CA GLU A 74 -9.42 -8.00 15.81
C GLU A 74 -10.87 -7.83 16.23
N VAL A 75 -11.79 -8.12 15.32
CA VAL A 75 -13.20 -8.09 15.66
C VAL A 75 -13.82 -9.42 15.23
N PRO A 76 -14.10 -10.29 16.20
CA PRO A 76 -14.61 -11.64 15.93
C PRO A 76 -16.07 -11.63 15.49
N ARG A 77 -16.47 -12.69 14.79
CA ARG A 77 -17.86 -12.94 14.46
C ARG A 77 -18.45 -11.85 13.58
N ILE A 78 -17.77 -11.55 12.48
CA ILE A 78 -18.35 -10.65 11.49
C ILE A 78 -18.68 -11.42 10.22
N GLU A 79 -19.72 -10.99 9.55
CA GLU A 79 -20.11 -11.54 8.27
C GLU A 79 -19.93 -10.48 7.20
N LEU A 80 -19.37 -10.86 6.06
CA LEU A 80 -19.13 -9.91 4.99
C LEU A 80 -20.16 -10.03 3.89
N GLN A 81 -20.55 -8.88 3.35
CA GLN A 81 -21.39 -8.84 2.16
C GLN A 81 -20.71 -7.98 1.09
N GLU A 82 -20.45 -8.60 -0.06
CA GLU A 82 -19.80 -7.92 -1.16
C GLU A 82 -20.68 -6.79 -1.65
N TYR A 83 -20.08 -5.59 -1.68
CA TYR A 83 -20.76 -4.41 -2.18
C TYR A 83 -20.80 -4.49 -3.71
N TYR A 84 -21.94 -4.91 -4.22
CA TYR A 84 -22.08 -5.20 -5.65
C TYR A 84 -21.16 -6.33 -6.11
N GLU A 85 -20.37 -6.09 -7.16
CA GLU A 85 -19.49 -7.14 -7.65
C GLU A 85 -18.07 -6.60 -7.81
N THR A 86 -17.71 -5.70 -6.91
CA THR A 86 -16.44 -4.99 -6.95
C THR A 86 -15.28 -5.92 -6.60
N GLY A 87 -15.57 -6.93 -5.79
CA GLY A 87 -14.53 -7.81 -5.27
C GLY A 87 -13.77 -7.25 -4.08
N ALA A 88 -13.56 -5.92 -4.07
CA ALA A 88 -12.68 -5.32 -3.04
C ALA A 88 -13.45 -4.68 -1.89
N PHE A 89 -14.69 -4.26 -2.16
CA PHE A 89 -15.51 -3.52 -1.19
C PHE A 89 -16.61 -4.37 -0.55
N TYR A 90 -16.78 -4.15 0.75
CA TYR A 90 -17.69 -4.95 1.57
C TYR A 90 -18.50 -4.09 2.55
N LEU A 91 -19.67 -4.57 2.92
CA LEU A 91 -20.37 -4.11 4.13
C LEU A 91 -20.14 -5.12 5.25
N VAL A 92 -20.01 -4.62 6.48
CA VAL A 92 -19.73 -5.44 7.66
C VAL A 92 -20.95 -5.53 8.61
N LYS A 93 -21.40 -6.75 8.90
CA LYS A 93 -22.45 -7.01 9.89
C LYS A 93 -21.90 -7.86 11.04
N PHE A 94 -22.70 -8.03 12.08
CA PHE A 94 -22.29 -8.86 13.22
C PHE A 94 -23.10 -10.15 13.39
N LYS A 95 -22.38 -11.26 13.58
CA LYS A 95 -22.98 -12.53 13.98
C LYS A 95 -23.81 -12.38 15.25
N ARG A 99 -22.57 -7.37 21.62
CA ARG A 99 -23.71 -7.25 22.54
C ARG A 99 -23.72 -5.87 23.21
N GLY A 100 -23.26 -5.80 24.46
CA GLY A 100 -22.96 -4.52 25.09
C GLY A 100 -21.52 -4.20 24.72
N ASN A 101 -21.25 -4.33 23.41
CA ASN A 101 -19.90 -4.41 22.87
C ASN A 101 -19.28 -3.02 22.61
N PRO A 102 -17.95 -2.96 22.42
CA PRO A 102 -17.34 -1.62 22.27
C PRO A 102 -17.76 -0.89 20.99
N LEU A 103 -18.34 -1.59 20.02
CA LEU A 103 -18.58 -1.03 18.69
C LEU A 103 -20.05 -0.71 18.36
N SER A 104 -20.94 -0.88 19.34
CA SER A 104 -22.38 -0.77 19.10
C SER A 104 -22.84 0.61 18.64
N HIS A 105 -22.01 1.63 18.89
CA HIS A 105 -22.38 3.00 18.53
C HIS A 105 -21.84 3.42 17.16
N PHE A 106 -21.14 2.51 16.49
CA PHE A 106 -20.66 2.75 15.13
C PHE A 106 -21.59 2.07 14.13
N LEU A 107 -22.61 1.41 14.65
CA LEU A 107 -23.58 0.75 13.81
C LEU A 107 -24.43 1.79 13.12
N GLU A 108 -24.76 1.50 11.86
CA GLU A 108 -25.73 2.27 11.09
C GLU A 108 -26.83 1.29 10.71
N GLY A 109 -27.75 1.02 11.64
CA GLY A 109 -28.65 -0.10 11.50
C GLY A 109 -27.97 -1.39 11.95
N GLU A 110 -27.85 -2.35 11.05
CA GLU A 110 -27.24 -3.62 11.40
C GLU A 110 -25.78 -3.62 10.92
N VAL A 111 -25.43 -2.56 10.23
CA VAL A 111 -24.15 -2.46 9.53
C VAL A 111 -23.10 -1.60 10.26
N LEU A 112 -21.89 -2.12 10.38
CA LEU A 112 -20.79 -1.38 10.99
C LEU A 112 -20.27 -0.29 10.04
N SER A 113 -20.50 0.96 10.41
CA SER A 113 -20.12 2.07 9.53
C SER A 113 -18.64 2.38 9.53
N ALA A 114 -18.04 2.37 8.35
CA ALA A 114 -16.65 2.75 8.19
C ALA A 114 -16.44 4.23 8.57
N THR A 115 -17.33 5.09 8.09
CA THR A 115 -17.29 6.53 8.36
C THR A 115 -17.30 6.86 9.85
N LYS A 116 -18.28 6.34 10.58
CA LYS A 116 -18.38 6.59 12.02
C LYS A 116 -17.17 6.11 12.79
N MET A 117 -16.72 4.91 12.46
CA MET A 117 -15.62 4.31 13.18
C MET A 117 -14.35 5.11 12.92
N LEU A 118 -14.15 5.50 11.67
CA LEU A 118 -12.97 6.27 11.27
C LEU A 118 -13.00 7.67 11.88
N SER A 119 -14.18 8.27 11.95
CA SER A 119 -14.32 9.59 12.55
C SER A 119 -13.90 9.61 14.00
N LYS A 120 -14.33 8.60 14.76
CA LYS A 120 -13.94 8.53 16.17
C LYS A 120 -12.44 8.31 16.30
N PHE A 121 -11.92 7.37 15.51
CA PHE A 121 -10.49 7.04 15.48
C PHE A 121 -9.64 8.30 15.24
N ARG A 122 -10.04 9.07 14.22
CA ARG A 122 -9.40 10.33 13.87
C ARG A 122 -9.49 11.38 14.99
N LYS A 123 -10.66 11.48 15.60
CA LYS A 123 -10.88 12.43 16.69
C LYS A 123 -9.95 12.18 17.87
N ILE A 124 -9.77 10.91 18.23
CA ILE A 124 -8.87 10.51 19.30
C ILE A 124 -7.41 10.86 18.97
N ILE A 125 -7.01 10.65 17.71
CA ILE A 125 -5.64 10.95 17.30
C ILE A 125 -5.39 12.46 17.34
N LYS A 126 -6.36 13.24 16.89
CA LYS A 126 -6.23 14.70 16.90
C LYS A 126 -6.01 15.22 18.32
N GLU A 127 -6.78 14.71 19.26
CA GLU A 127 -6.67 15.14 20.65
C GLU A 127 -5.34 14.71 21.26
N GLU A 128 -4.84 13.55 20.84
CA GLU A 128 -3.56 13.10 21.37
C GLU A 128 -2.43 13.95 20.79
N VAL A 129 -2.49 14.21 19.48
CA VAL A 129 -1.49 15.01 18.77
C VAL A 129 -1.42 16.43 19.35
N LYS A 130 -2.56 16.94 19.79
CA LYS A 130 -2.60 18.28 20.39
C LYS A 130 -1.78 18.31 21.67
N GLU A 131 -1.60 17.17 22.32
CA GLU A 131 -0.83 17.15 23.53
C GLU A 131 0.63 16.84 23.34
N ILE A 132 1.03 16.52 22.13
CA ILE A 132 2.47 16.39 21.85
C ILE A 132 3.14 17.76 21.76
N LYS A 133 4.10 18.01 22.64
CA LYS A 133 4.72 19.34 22.75
C LYS A 133 6.22 19.39 22.43
N ASP A 134 6.87 18.23 22.42
CA ASP A 134 8.31 18.16 22.18
C ASP A 134 8.60 17.97 20.68
N ILE A 135 7.54 17.73 19.90
CA ILE A 135 7.66 17.45 18.47
C ILE A 135 6.67 18.28 17.64
N ASP A 136 7.12 18.83 16.51
CA ASP A 136 6.22 19.56 15.62
C ASP A 136 5.45 18.57 14.73
N VAL A 137 4.23 18.26 15.15
CA VAL A 137 3.38 17.34 14.39
C VAL A 137 1.94 17.85 14.35
N SER A 138 1.32 17.73 13.18
CA SER A 138 -0.07 18.10 13.05
C SER A 138 -0.83 17.06 12.23
N VAL A 139 -2.14 17.02 12.40
CA VAL A 139 -3.01 16.15 11.62
C VAL A 139 -3.46 16.84 10.32
N GLU A 140 -3.08 16.25 9.20
CA GLU A 140 -3.43 16.82 7.90
C GLU A 140 -4.97 16.77 7.71
N LYS A 141 -5.49 17.73 6.95
CA LYS A 141 -6.92 17.78 6.63
C LYS A 141 -7.43 16.47 6.00
N GLU A 142 -8.65 16.09 6.38
CA GLU A 142 -9.26 14.86 5.89
C GLU A 142 -9.36 14.82 4.36
N LYS A 143 -9.02 13.68 3.79
CA LYS A 143 -9.10 13.49 2.34
C LYS A 143 -10.30 12.63 1.95
N PRO A 144 -10.97 12.99 0.84
CA PRO A 144 -12.12 12.23 0.33
C PRO A 144 -11.76 10.76 0.04
N GLY A 145 -12.52 9.84 0.64
CA GLY A 145 -12.33 8.42 0.40
C GLY A 145 -10.95 7.92 0.79
N SER A 146 -10.30 8.56 1.77
CA SER A 146 -9.08 8.02 2.35
C SER A 146 -9.35 7.26 3.64
N PRO A 147 -8.70 6.09 3.81
CA PRO A 147 -8.78 5.36 5.07
C PRO A 147 -7.78 5.85 6.14
N ALA A 148 -6.87 6.76 5.78
CA ALA A 148 -5.74 7.14 6.62
C ALA A 148 -6.02 8.37 7.48
N VAL A 149 -5.53 8.36 8.71
CA VAL A 149 -5.36 9.62 9.42
C VAL A 149 -3.89 9.99 9.23
N THR A 150 -3.64 11.05 8.47
CA THR A 150 -2.28 11.40 8.05
C THR A 150 -1.64 12.44 8.98
N LEU A 151 -0.51 12.08 9.58
CA LEU A 151 0.26 13.05 10.37
C LEU A 151 1.28 13.80 9.51
N LEU A 152 1.50 15.05 9.87
CA LEU A 152 2.53 15.85 9.25
C LEU A 152 3.54 16.23 10.32
N ILE A 153 4.76 15.74 10.16
CA ILE A 153 5.85 16.01 11.10
C ILE A 153 6.90 16.89 10.47
N ARG A 154 7.38 17.87 11.23
CA ARG A 154 8.52 18.67 10.83
C ARG A 154 9.66 18.40 11.79
N ASN A 155 10.70 17.77 11.25
CA ASN A 155 11.77 17.17 12.01
C ASN A 155 13.18 17.80 12.00
N PRO A 156 13.39 18.99 11.37
CA PRO A 156 12.59 19.98 10.65
C PRO A 156 12.12 19.54 9.25
N GLU A 157 12.76 18.52 8.66
CA GLU A 157 12.34 18.06 7.34
C GLU A 157 10.96 17.43 7.40
N GLU A 158 10.19 17.61 6.34
CA GLU A 158 8.80 17.15 6.30
C GLU A 158 8.70 15.63 6.19
N ILE A 159 7.90 15.05 7.08
CA ILE A 159 7.63 13.62 7.11
C ILE A 159 6.12 13.40 7.25
N SER A 160 5.55 12.55 6.40
CA SER A 160 4.14 12.21 6.52
C SER A 160 4.02 10.80 7.09
N VAL A 161 3.07 10.62 8.01
CA VAL A 161 2.80 9.32 8.61
C VAL A 161 1.31 9.05 8.43
N ASP A 162 0.98 7.97 7.73
CA ASP A 162 -0.42 7.53 7.58
C ASP A 162 -0.75 6.47 8.63
N ILE A 163 -1.70 6.79 9.49
CA ILE A 163 -2.20 5.83 10.47
C ILE A 163 -3.51 5.26 9.93
N ILE A 164 -3.51 3.94 9.71
CA ILE A 164 -4.60 3.24 9.04
C ILE A 164 -5.28 2.32 10.03
N LEU A 165 -6.52 2.64 10.36
CA LEU A 165 -7.36 1.73 11.15
C LEU A 165 -7.68 0.50 10.30
N ALA A 166 -7.57 -0.69 10.89
CA ALA A 166 -7.96 -1.89 10.14
C ALA A 166 -8.66 -2.94 11.00
N LEU A 167 -9.77 -3.46 10.51
CA LEU A 167 -10.42 -4.60 11.16
C LEU A 167 -9.62 -5.83 10.75
N GLU A 168 -9.28 -6.65 11.74
CA GLU A 168 -8.61 -7.93 11.47
C GLU A 168 -9.63 -9.08 11.54
N SER A 169 -9.62 -9.92 10.52
CA SER A 169 -10.51 -11.08 10.56
C SER A 169 -9.70 -12.37 10.37
N LYS A 170 -9.91 -13.33 11.27
CA LYS A 170 -9.12 -14.56 11.32
C LYS A 170 -9.66 -15.67 10.41
N GLY A 171 -10.87 -15.46 9.85
CA GLY A 171 -11.48 -16.43 8.95
C GLY A 171 -10.77 -16.59 7.61
N SER A 172 -11.24 -17.53 6.79
CA SER A 172 -10.68 -17.69 5.45
C SER A 172 -11.02 -16.45 4.60
N TRP A 173 -10.16 -16.12 3.64
CA TRP A 173 -10.32 -14.90 2.85
C TRP A 173 -11.58 -14.95 1.95
N PRO A 174 -12.20 -13.78 1.66
CA PRO A 174 -13.40 -13.73 0.82
C PRO A 174 -13.09 -14.33 -0.56
N ILE A 175 -14.09 -14.95 -1.19
CA ILE A 175 -13.85 -15.76 -2.38
C ILE A 175 -13.42 -14.95 -3.61
N SER A 176 -13.63 -13.63 -3.59
CA SER A 176 -13.07 -12.80 -4.64
C SER A 176 -11.52 -12.92 -4.72
N THR A 177 -10.88 -13.47 -3.68
CA THR A 177 -9.41 -13.62 -3.64
C THR A 177 -8.96 -15.03 -4.01
N LYS A 178 -9.93 -15.92 -4.23
CA LYS A 178 -9.69 -17.36 -4.39
C LYS A 178 -8.67 -17.68 -5.50
N GLU A 179 -8.75 -16.95 -6.61
CA GLU A 179 -7.82 -17.13 -7.71
C GLU A 179 -6.83 -15.97 -7.80
N GLY A 180 -6.70 -15.21 -6.72
CA GLY A 180 -5.65 -14.19 -6.62
C GLY A 180 -4.35 -14.80 -6.11
N LEU A 181 -3.34 -13.94 -5.90
CA LEU A 181 -2.03 -14.36 -5.40
C LEU A 181 -1.53 -15.58 -6.17
N PRO A 182 -1.27 -15.42 -7.48
CA PRO A 182 -0.88 -16.56 -8.33
C PRO A 182 0.63 -16.84 -8.28
N ILE A 183 1.11 -17.28 -7.10
CA ILE A 183 2.54 -17.39 -6.81
C ILE A 183 3.05 -18.86 -6.84
N GLN A 184 2.19 -19.78 -7.28
CA GLN A 184 2.44 -21.23 -7.21
C GLN A 184 3.71 -21.66 -7.95
N GLY A 185 4.03 -21.01 -9.05
CA GLY A 185 5.23 -21.37 -9.81
C GLY A 185 6.42 -20.50 -9.45
N TRP A 186 6.24 -19.67 -8.44
CA TRP A 186 7.26 -18.71 -8.04
C TRP A 186 7.66 -18.92 -6.57
N LEU A 187 6.80 -18.52 -5.63
CA LEU A 187 7.09 -18.72 -4.21
C LEU A 187 6.55 -20.06 -3.71
N GLY A 188 5.60 -20.61 -4.47
CA GLY A 188 5.14 -21.98 -4.28
C GLY A 188 3.81 -22.15 -3.55
N THR A 189 3.34 -23.40 -3.54
CA THR A 189 2.05 -23.74 -2.96
C THR A 189 2.02 -23.68 -1.43
N LYS A 190 3.09 -24.16 -0.78
CA LYS A 190 3.21 -24.06 0.68
C LYS A 190 3.22 -22.59 1.18
N VAL A 191 3.98 -21.72 0.50
CA VAL A 191 3.94 -20.29 0.84
C VAL A 191 2.53 -19.71 0.64
N ARG A 192 1.90 -19.97 -0.51
CA ARG A 192 0.57 -19.41 -0.80
C ARG A 192 -0.47 -19.84 0.24
N THR A 193 -0.51 -21.13 0.52
CA THR A 193 -1.39 -21.71 1.52
C THR A 193 -1.20 -21.09 2.91
N ASN A 194 0.06 -20.98 3.35
CA ASN A 194 0.38 -20.37 4.64
C ASN A 194 0.01 -18.90 4.71
N LEU A 195 0.25 -18.17 3.61
CA LEU A 195 -0.08 -16.76 3.57
C LEU A 195 -1.59 -16.57 3.70
N ARG A 196 -2.35 -17.48 3.09
CA ARG A 196 -3.83 -17.41 3.08
C ARG A 196 -4.46 -17.90 4.37
N ARG A 197 -3.65 -18.50 5.23
CA ARG A 197 -4.07 -18.88 6.58
C ARG A 197 -3.88 -17.71 7.57
N GLU A 198 -3.13 -16.70 7.18
CA GLU A 198 -3.00 -15.48 7.97
C GLU A 198 -4.33 -14.74 7.91
N PRO A 199 -4.58 -13.81 8.86
CA PRO A 199 -5.84 -13.04 8.78
C PRO A 199 -5.92 -12.16 7.54
N PHE A 200 -7.10 -11.66 7.23
CA PHE A 200 -7.21 -10.60 6.23
C PHE A 200 -7.70 -9.30 6.92
N TYR A 201 -7.51 -8.16 6.25
CA TYR A 201 -7.85 -6.86 6.83
C TYR A 201 -8.84 -6.06 5.99
N LEU A 202 -9.64 -5.27 6.69
CA LEU A 202 -10.53 -4.30 6.06
C LEU A 202 -10.14 -2.91 6.59
N VAL A 203 -10.03 -1.96 5.67
CA VAL A 203 -9.73 -0.57 6.02
C VAL A 203 -10.89 0.32 5.59
N PRO A 204 -11.17 1.37 6.37
CA PRO A 204 -12.35 2.21 6.18
C PRO A 204 -12.17 3.11 4.97
N LYS A 205 -11.80 2.50 3.85
CA LYS A 205 -11.79 3.22 2.61
C LYS A 205 -13.11 2.96 1.87
N ASN A 206 -13.85 4.02 1.58
CA ASN A 206 -15.18 3.86 0.98
C ASN A 206 -15.16 3.62 -0.52
N ALA A 207 -16.09 2.78 -0.97
CA ALA A 207 -16.32 2.57 -2.40
C ALA A 207 -16.85 3.86 -2.99
N LYS A 208 -16.28 4.27 -4.13
CA LYS A 208 -16.77 5.45 -4.83
C LYS A 208 -17.93 5.06 -5.73
N ASP A 209 -19.11 5.58 -5.39
CA ASP A 209 -20.32 5.31 -6.15
C ASP A 209 -20.78 6.56 -6.88
N GLY A 210 -20.24 6.75 -8.08
CA GLY A 210 -20.47 7.96 -8.85
C GLY A 210 -19.58 9.09 -8.35
N ASN A 211 -20.16 10.23 -8.06
CA ASN A 211 -19.41 11.36 -7.51
C ASN A 211 -19.53 11.47 -5.99
N SER A 212 -20.00 10.40 -5.34
CA SER A 212 -20.09 10.34 -3.89
C SER A 212 -19.46 9.06 -3.33
N PHE A 213 -19.36 8.98 -2.01
CA PHE A 213 -18.86 7.78 -1.35
C PHE A 213 -19.97 7.06 -0.56
N GLN A 214 -19.94 5.73 -0.59
CA GLN A 214 -20.79 4.92 0.28
C GLN A 214 -20.09 4.79 1.64
N GLY A 215 -20.61 5.52 2.62
CA GLY A 215 -19.95 5.70 3.91
C GLY A 215 -19.83 4.48 4.80
N GLU A 216 -20.57 3.41 4.51
CA GLU A 216 -20.45 2.20 5.31
C GLU A 216 -19.46 1.16 4.76
N THR A 217 -19.12 1.28 3.48
CA THR A 217 -18.25 0.28 2.84
C THR A 217 -16.82 0.31 3.35
N TRP A 218 -16.23 -0.89 3.41
CA TRP A 218 -14.83 -1.09 3.75
C TRP A 218 -14.15 -1.73 2.55
N ARG A 219 -12.82 -1.68 2.53
CA ARG A 219 -12.04 -2.26 1.44
C ARG A 219 -11.00 -3.26 1.96
N LEU A 220 -10.81 -4.36 1.23
CA LEU A 220 -9.78 -5.34 1.60
C LEU A 220 -8.41 -4.69 1.52
N SER A 221 -7.50 -5.14 2.38
CA SER A 221 -6.11 -4.72 2.37
C SER A 221 -5.21 -5.93 2.57
N PHE A 222 -4.11 -5.98 1.83
CA PHE A 222 -3.17 -7.09 1.98
C PHE A 222 -1.72 -6.59 2.18
N SER A 223 -1.58 -5.44 2.82
CA SER A 223 -0.30 -4.77 3.07
C SER A 223 0.63 -5.73 3.79
N HIS A 224 0.04 -6.46 4.70
CA HIS A 224 0.72 -7.59 5.29
C HIS A 224 1.20 -8.66 4.32
N THR A 225 0.37 -9.16 3.40
CA THR A 225 0.97 -10.16 2.56
C THR A 225 2.03 -9.54 1.64
N GLU A 226 1.81 -8.30 1.26
CA GLU A 226 2.67 -7.63 0.29
C GLU A 226 4.04 -7.44 0.88
N LYS A 227 4.06 -7.13 2.17
CA LYS A 227 5.30 -6.89 2.88
C LYS A 227 6.11 -8.18 2.97
N TYR A 228 5.42 -9.29 3.26
CA TYR A 228 6.07 -10.59 3.34
C TYR A 228 6.73 -10.90 2.00
N ILE A 229 5.98 -10.68 0.91
CA ILE A 229 6.44 -11.03 -0.43
C ILE A 229 7.68 -10.22 -0.78
N LEU A 230 7.65 -8.91 -0.52
CA LEU A 230 8.81 -8.08 -0.80
C LEU A 230 10.04 -8.54 0.00
N ASN A 231 9.82 -9.06 1.21
CA ASN A 231 10.95 -9.56 2.03
C ASN A 231 11.35 -11.01 1.66
N ASN A 232 10.45 -11.73 1.00
CA ASN A 232 10.70 -13.15 0.65
C ASN A 232 10.36 -13.38 -0.82
N HIS A 233 11.16 -12.84 -1.71
CA HIS A 233 10.73 -12.61 -3.07
C HIS A 233 11.37 -13.53 -4.11
N GLY A 234 12.25 -14.43 -3.68
CA GLY A 234 12.99 -15.22 -4.65
C GLY A 234 12.37 -16.58 -4.85
N ILE A 235 12.65 -17.22 -5.98
CA ILE A 235 12.31 -18.64 -6.10
C ILE A 235 13.28 -19.45 -5.20
N GLU A 236 14.54 -19.02 -5.13
CA GLU A 236 15.47 -19.59 -4.15
C GLU A 236 15.33 -18.92 -2.78
N LYS A 237 15.43 -19.74 -1.74
CA LYS A 237 15.26 -19.29 -0.37
C LYS A 237 16.40 -18.35 0.04
N THR A 238 17.51 -18.40 -0.69
CA THR A 238 18.69 -17.63 -0.30
C THR A 238 18.81 -16.33 -1.11
N CYS A 239 17.81 -16.05 -1.95
CA CYS A 239 17.82 -14.83 -2.76
C CYS A 239 18.05 -13.61 -1.88
N CYS A 240 19.07 -12.81 -2.20
CA CYS A 240 19.43 -11.62 -1.42
C CYS A 240 19.84 -11.88 0.04
N GLU A 241 20.18 -13.13 0.39
CA GLU A 241 20.72 -13.41 1.72
C GLU A 241 22.25 -13.38 1.72
N SER A 242 22.84 -13.37 2.91
CA SER A 242 24.31 -13.36 3.02
C SER A 242 25.04 -14.58 2.39
N SER A 243 24.36 -15.72 2.25
CA SER A 243 24.94 -16.88 1.55
C SER A 243 24.17 -17.20 0.27
N GLY A 244 23.58 -16.16 -0.31
CA GLY A 244 22.84 -16.29 -1.54
C GLY A 244 23.26 -15.24 -2.54
N ALA A 245 22.51 -15.14 -3.64
CA ALA A 245 22.82 -14.22 -4.72
C ALA A 245 21.87 -13.01 -4.66
N LYS A 246 22.43 -11.82 -4.83
CA LYS A 246 21.65 -10.60 -4.88
C LYS A 246 20.84 -10.60 -6.19
N CYS A 247 19.55 -10.29 -6.15
CA CYS A 247 18.83 -10.06 -7.41
C CYS A 247 18.53 -8.57 -7.57
N CYS A 248 17.92 -8.16 -8.68
CA CYS A 248 17.59 -6.75 -8.89
C CYS A 248 16.08 -6.46 -8.85
N ARG A 249 15.29 -7.35 -8.26
CA ARG A 249 13.84 -7.16 -8.23
C ARG A 249 13.43 -5.83 -7.59
N LYS A 250 13.99 -5.54 -6.42
CA LYS A 250 13.61 -4.34 -5.69
C LYS A 250 14.13 -3.07 -6.39
N GLU A 251 15.31 -3.17 -6.99
CA GLU A 251 15.95 -2.06 -7.68
C GLU A 251 15.08 -1.64 -8.86
N CYS A 252 14.52 -2.65 -9.51
CA CYS A 252 13.67 -2.46 -10.66
C CYS A 252 12.37 -1.75 -10.22
N LEU A 253 11.82 -2.17 -9.09
CA LEU A 253 10.65 -1.49 -8.54
C LEU A 253 10.97 -0.03 -8.17
N LYS A 254 12.13 0.20 -7.55
CA LYS A 254 12.56 1.58 -7.24
C LYS A 254 12.64 2.48 -8.47
N LEU A 255 13.28 1.99 -9.53
CA LEU A 255 13.43 2.80 -10.74
C LEU A 255 12.04 3.20 -11.26
N MET A 256 11.09 2.26 -11.19
CA MET A 256 9.74 2.49 -11.70
C MET A 256 8.97 3.50 -10.85
N LYS A 257 9.05 3.36 -9.53
CA LYS A 257 8.41 4.30 -8.61
C LYS A 257 8.96 5.69 -8.86
N TYR A 258 10.27 5.76 -9.08
CA TYR A 258 10.93 7.04 -9.34
C TYR A 258 10.40 7.70 -10.62
N LEU A 259 10.37 6.92 -11.70
CA LEU A 259 9.84 7.40 -12.98
C LEU A 259 8.45 8.03 -12.82
N LEU A 260 7.53 7.28 -12.22
CA LEU A 260 6.18 7.76 -11.96
C LEU A 260 6.17 8.99 -11.06
N GLU A 261 6.98 8.97 -10.00
CA GLU A 261 7.14 10.08 -9.08
C GLU A 261 7.55 11.39 -9.77
N GLN A 262 8.60 11.30 -10.60
CA GLN A 262 9.11 12.42 -11.39
C GLN A 262 8.08 12.96 -12.37
N LEU A 263 7.34 12.06 -12.99
CA LEU A 263 6.30 12.44 -13.95
C LEU A 263 5.12 13.09 -13.25
N LYS A 264 4.82 12.63 -12.04
CA LYS A 264 3.71 13.15 -11.27
C LYS A 264 3.98 14.56 -10.75
N LYS A 265 5.27 14.89 -10.56
CA LYS A 265 5.65 16.20 -10.01
C LYS A 265 5.43 17.33 -11.00
N GLU A 266 5.36 17.01 -12.28
CA GLU A 266 5.20 18.07 -13.28
C GLU A 266 3.96 17.99 -14.16
N PHE A 267 3.19 16.91 -14.06
CA PHE A 267 1.96 16.78 -14.84
C PHE A 267 0.80 16.43 -13.92
N GLN A 268 -0.12 17.36 -13.77
CA GLN A 268 -1.21 17.21 -12.83
C GLN A 268 -2.27 16.24 -13.36
N GLU A 269 -2.21 15.93 -14.65
CA GLU A 269 -3.15 14.97 -15.25
C GLU A 269 -2.82 13.52 -14.90
N LEU A 270 -1.86 13.35 -14.00
CA LEU A 270 -1.44 12.03 -13.59
C LEU A 270 -1.71 11.82 -12.10
N ASP A 271 -2.64 12.60 -11.55
CA ASP A 271 -2.98 12.52 -10.13
C ASP A 271 -3.66 11.20 -9.75
N ALA A 272 -4.34 10.59 -10.71
CA ALA A 272 -5.05 9.33 -10.49
C ALA A 272 -4.11 8.13 -10.39
N PHE A 273 -2.88 8.28 -10.88
CA PHE A 273 -1.89 7.19 -10.79
C PHE A 273 -1.10 7.26 -9.49
N CYS A 274 -0.56 6.12 -9.08
CA CYS A 274 0.20 6.05 -7.84
C CYS A 274 1.13 4.86 -7.79
N SER A 275 1.97 4.83 -6.75
CA SER A 275 2.93 3.75 -6.56
C SER A 275 2.28 2.36 -6.44
N TYR A 276 1.03 2.30 -5.96
CA TYR A 276 0.36 1.00 -5.84
C TYR A 276 0.15 0.33 -7.19
N HIS A 277 -0.14 1.13 -8.22
CA HIS A 277 -0.22 0.64 -9.59
C HIS A 277 1.12 0.03 -10.06
N VAL A 278 2.21 0.69 -9.71
CA VAL A 278 3.54 0.20 -10.07
C VAL A 278 3.89 -1.09 -9.32
N LYS A 279 3.57 -1.12 -8.03
CA LYS A 279 3.83 -2.30 -7.23
C LYS A 279 2.99 -3.51 -7.73
N THR A 280 1.72 -3.28 -8.01
CA THR A 280 0.83 -4.29 -8.60
C THR A 280 1.38 -4.81 -9.92
N ALA A 281 1.79 -3.89 -10.80
CA ALA A 281 2.36 -4.28 -12.08
C ALA A 281 3.57 -5.21 -11.89
N ILE A 282 4.47 -4.87 -10.97
CA ILE A 282 5.70 -5.65 -10.83
C ILE A 282 5.45 -7.04 -10.21
N PHE A 283 4.50 -7.11 -9.28
CA PHE A 283 4.03 -8.42 -8.78
C PHE A 283 3.65 -9.35 -9.94
N HIS A 284 2.85 -8.85 -10.88
CA HIS A 284 2.49 -9.64 -12.05
C HIS A 284 3.74 -10.05 -12.82
N MET A 285 4.72 -9.13 -12.90
CA MET A 285 5.97 -9.40 -13.61
C MET A 285 6.78 -10.50 -12.92
N TRP A 286 6.76 -10.48 -11.60
CA TRP A 286 7.49 -11.47 -10.81
C TRP A 286 6.86 -12.86 -10.98
N THR A 287 5.56 -12.88 -11.26
CA THR A 287 4.82 -14.13 -11.51
C THR A 287 5.15 -14.60 -12.91
N GLN A 288 5.19 -13.64 -13.83
CA GLN A 288 5.49 -13.96 -15.22
C GLN A 288 6.93 -14.44 -15.39
N ASP A 289 7.87 -13.82 -14.65
CA ASP A 289 9.29 -14.21 -14.71
C ASP A 289 9.78 -14.59 -13.31
N PRO A 290 9.49 -15.83 -12.88
CA PRO A 290 9.75 -16.26 -11.50
C PRO A 290 11.21 -16.64 -11.21
N GLN A 291 12.00 -16.94 -12.25
CA GLN A 291 13.36 -17.44 -12.03
C GLN A 291 14.25 -16.31 -11.51
N ASP A 292 15.03 -16.59 -10.47
CA ASP A 292 15.97 -15.58 -9.96
C ASP A 292 17.01 -15.19 -11.03
N SER A 293 17.33 -16.11 -11.93
CA SER A 293 18.36 -15.89 -12.93
C SER A 293 17.94 -14.80 -13.90
N GLN A 294 16.62 -14.63 -14.06
CA GLN A 294 16.06 -13.60 -14.91
C GLN A 294 16.18 -12.24 -14.23
N TRP A 295 16.46 -12.22 -12.93
CA TRP A 295 16.60 -10.96 -12.19
C TRP A 295 18.02 -10.79 -11.64
N ASP A 296 18.99 -11.33 -12.35
CA ASP A 296 20.39 -11.08 -12.04
C ASP A 296 20.66 -9.59 -12.25
N PRO A 297 21.38 -8.96 -11.32
CA PRO A 297 21.74 -7.52 -11.37
C PRO A 297 22.34 -7.13 -12.73
N ARG A 298 23.05 -8.05 -13.38
CA ARG A 298 23.60 -7.74 -14.71
C ARG A 298 22.49 -7.48 -15.75
N ASN A 299 21.27 -7.94 -15.47
CA ASN A 299 20.13 -7.76 -16.38
C ASN A 299 19.16 -6.63 -15.97
N LEU A 300 19.64 -5.70 -15.17
CA LEU A 300 18.79 -4.63 -14.63
C LEU A 300 18.09 -3.84 -15.75
N SER A 301 18.86 -3.41 -16.73
CA SER A 301 18.36 -2.59 -17.84
C SER A 301 17.19 -3.25 -18.56
N SER A 302 17.38 -4.51 -18.92
CA SER A 302 16.35 -5.26 -19.64
C SER A 302 15.16 -5.59 -18.75
N CYS A 303 15.41 -5.87 -17.47
CA CYS A 303 14.32 -6.07 -16.51
C CYS A 303 13.47 -4.80 -16.35
N PHE A 304 14.11 -3.65 -16.29
CA PHE A 304 13.38 -2.39 -16.22
C PHE A 304 12.59 -2.16 -17.51
N ASP A 305 13.22 -2.39 -18.65
CA ASP A 305 12.53 -2.26 -19.93
C ASP A 305 11.33 -3.21 -20.06
N LYS A 306 11.47 -4.45 -19.57
CA LYS A 306 10.38 -5.44 -19.60
C LYS A 306 9.20 -4.99 -18.76
N LEU A 307 9.51 -4.44 -17.59
CA LEU A 307 8.50 -3.85 -16.71
C LEU A 307 7.78 -2.67 -17.40
N LEU A 308 8.57 -1.76 -17.98
CA LEU A 308 8.02 -0.64 -18.74
C LEU A 308 7.07 -1.10 -19.85
N ALA A 309 7.49 -2.11 -20.62
CA ALA A 309 6.67 -2.60 -21.72
C ALA A 309 5.35 -3.17 -21.19
N PHE A 310 5.44 -3.96 -20.12
CA PHE A 310 4.26 -4.54 -19.48
C PHE A 310 3.32 -3.45 -18.96
N PHE A 311 3.88 -2.38 -18.41
CA PHE A 311 3.07 -1.32 -17.85
C PHE A 311 2.32 -0.57 -18.96
N LEU A 312 3.03 -0.29 -20.06
CA LEU A 312 2.44 0.35 -21.22
C LEU A 312 1.30 -0.49 -21.81
N GLU A 313 1.42 -1.81 -21.70
CA GLU A 313 0.41 -2.70 -22.26
C GLU A 313 -0.82 -2.73 -21.37
N CYS A 314 -0.62 -2.64 -20.06
CA CYS A 314 -1.72 -2.49 -19.12
C CYS A 314 -2.45 -1.16 -19.35
N LEU A 315 -1.67 -0.13 -19.65
CA LEU A 315 -2.18 1.21 -19.88
C LEU A 315 -3.06 1.22 -21.14
N ARG A 316 -2.53 0.62 -22.19
CA ARG A 316 -3.19 0.60 -23.48
C ARG A 316 -4.46 -0.25 -23.46
N THR A 317 -4.44 -1.38 -22.76
CA THR A 317 -5.60 -2.27 -22.75
C THR A 317 -6.58 -1.92 -21.64
N GLU A 318 -6.27 -0.87 -20.88
CA GLU A 318 -7.12 -0.42 -19.77
C GLU A 318 -7.42 -1.55 -18.78
N LYS A 319 -6.39 -2.30 -18.41
CA LYS A 319 -6.55 -3.44 -17.50
C LYS A 319 -5.30 -3.73 -16.66
N LEU A 320 -5.45 -3.58 -15.35
CA LEU A 320 -4.40 -3.95 -14.42
C LEU A 320 -5.10 -4.61 -13.24
N ASP A 321 -5.05 -5.93 -13.22
CA ASP A 321 -5.74 -6.68 -12.19
C ASP A 321 -5.05 -6.50 -10.86
N HIS A 322 -5.83 -6.19 -9.84
CA HIS A 322 -5.38 -6.29 -8.46
C HIS A 322 -4.78 -7.69 -8.26
N TYR A 323 -3.60 -7.75 -7.66
CA TYR A 323 -2.84 -8.99 -7.57
C TYR A 323 -3.57 -10.04 -6.73
N PHE A 324 -4.37 -9.57 -5.77
CA PHE A 324 -5.07 -10.44 -4.83
C PHE A 324 -6.53 -10.65 -5.22
N ILE A 325 -7.08 -9.72 -6.00
CA ILE A 325 -8.51 -9.71 -6.35
C ILE A 325 -8.61 -9.51 -7.85
N PRO A 326 -8.47 -10.59 -8.62
CA PRO A 326 -8.28 -10.47 -10.07
C PRO A 326 -9.42 -9.78 -10.84
N LYS A 327 -10.64 -9.79 -10.34
CA LYS A 327 -11.73 -9.14 -11.07
C LYS A 327 -11.79 -7.64 -10.75
N PHE A 328 -10.94 -7.19 -9.83
CA PHE A 328 -10.91 -5.77 -9.50
C PHE A 328 -9.87 -5.04 -10.38
N ASN A 329 -10.36 -4.32 -11.39
CA ASN A 329 -9.48 -3.64 -12.36
C ASN A 329 -9.08 -2.21 -11.92
N LEU A 330 -7.86 -2.09 -11.39
CA LEU A 330 -7.25 -0.80 -11.05
C LEU A 330 -7.22 0.22 -12.18
N PHE A 331 -7.30 -0.25 -13.43
CA PHE A 331 -7.31 0.64 -14.59
C PHE A 331 -8.66 0.66 -15.30
N SER A 332 -9.74 0.43 -14.55
CA SER A 332 -11.07 0.54 -15.15
C SER A 332 -11.30 1.98 -15.58
N GLN A 333 -12.16 2.13 -16.57
CA GLN A 333 -12.59 3.44 -17.02
C GLN A 333 -13.19 4.23 -15.86
N GLU A 334 -13.85 3.54 -14.94
CA GLU A 334 -14.47 4.17 -13.78
C GLU A 334 -13.48 4.80 -12.81
N LEU A 335 -12.31 4.19 -12.67
CA LEU A 335 -11.31 4.67 -11.73
C LEU A 335 -10.39 5.71 -12.35
N ILE A 336 -9.99 5.45 -13.59
CA ILE A 336 -9.03 6.31 -14.27
C ILE A 336 -9.51 6.55 -15.68
N ASP A 337 -9.67 7.81 -16.04
CA ASP A 337 -10.18 8.13 -17.37
C ASP A 337 -9.19 7.73 -18.46
N ARG A 338 -9.74 7.31 -19.59
CA ARG A 338 -8.99 6.79 -20.72
C ARG A 338 -7.91 7.76 -21.23
N LYS A 339 -8.22 9.05 -21.25
CA LYS A 339 -7.23 10.03 -21.71
C LYS A 339 -6.14 10.31 -20.67
N SER A 340 -6.31 9.83 -19.44
CA SER A 340 -5.23 9.88 -18.45
C SER A 340 -4.23 8.76 -18.75
N LYS A 341 -4.75 7.58 -19.13
CA LYS A 341 -3.90 6.44 -19.46
C LYS A 341 -3.14 6.68 -20.76
N GLU A 342 -3.78 7.36 -21.70
CA GLU A 342 -3.12 7.71 -22.95
C GLU A 342 -2.06 8.78 -22.74
N PHE A 343 -2.28 9.65 -21.76
CA PHE A 343 -1.32 10.70 -21.44
C PHE A 343 -0.07 10.11 -20.77
N LEU A 344 -0.29 9.20 -19.83
CA LEU A 344 0.84 8.55 -19.17
C LEU A 344 1.63 7.68 -20.17
N SER A 345 0.89 7.02 -21.07
CA SER A 345 1.48 6.22 -22.14
C SER A 345 2.49 7.03 -22.97
N LYS A 346 2.10 8.22 -23.42
CA LYS A 346 3.00 9.02 -24.24
C LYS A 346 4.22 9.52 -23.47
N LYS A 347 4.03 9.82 -22.19
CA LYS A 347 5.12 10.33 -21.38
C LYS A 347 6.16 9.25 -21.10
N ILE A 348 5.70 8.03 -20.83
CA ILE A 348 6.60 6.91 -20.60
C ILE A 348 7.40 6.52 -21.85
N GLU A 349 6.71 6.44 -22.99
CA GLU A 349 7.37 6.11 -24.25
C GLU A 349 8.48 7.10 -24.57
N TYR A 350 8.21 8.38 -24.31
CA TYR A 350 9.22 9.41 -24.54
C TYR A 350 10.50 9.19 -23.70
N GLU A 351 10.32 8.98 -22.41
CA GLU A 351 11.44 8.72 -21.49
C GLU A 351 12.14 7.43 -21.89
N ARG A 352 11.35 6.48 -22.37
CA ARG A 352 11.89 5.18 -22.76
C ARG A 352 12.70 5.29 -24.05
N ASN A 353 12.35 6.22 -24.92
CA ASN A 353 13.07 6.36 -26.19
C ASN A 353 14.20 7.37 -26.14
N ASN A 354 14.32 8.09 -25.02
CA ASN A 354 15.32 9.13 -24.89
C ASN A 354 16.26 8.94 -23.71
N GLY A 355 16.34 7.70 -23.22
CA GLY A 355 17.21 7.36 -22.12
C GLY A 355 16.87 8.06 -20.82
N PHE A 356 15.57 8.28 -20.61
CA PHE A 356 15.05 8.82 -19.36
C PHE A 356 15.74 10.11 -18.91
N PRO A 357 15.62 11.18 -19.70
CA PRO A 357 16.16 12.48 -19.28
C PRO A 357 15.57 12.94 -17.95
N ILE A 358 14.32 12.58 -17.66
CA ILE A 358 13.69 12.98 -16.40
C ILE A 358 14.41 12.44 -15.16
N PHE A 359 15.21 11.39 -15.34
CA PHE A 359 16.05 10.88 -14.26
C PHE A 359 17.14 11.88 -13.83
N ASP A 360 17.40 12.89 -14.67
CA ASP A 360 18.34 13.96 -14.34
C ASP A 360 17.62 15.13 -13.67
N LYS A 361 16.42 14.86 -13.17
CA LYS A 361 15.53 15.86 -12.59
C LYS A 361 15.11 16.90 -13.62
ZN ZN D . 16.47 -11.17 -4.23
P PO4 E . 15.48 -3.36 7.96
O1 PO4 E . 15.58 -3.50 9.49
O2 PO4 E . 14.56 -2.20 7.61
O3 PO4 E . 14.92 -4.69 7.48
O4 PO4 E . 16.82 -3.20 7.21
P 5GP F . -7.97 6.43 -4.03
O1P 5GP F . -8.79 7.65 -4.48
O3P 5GP F . -8.58 5.13 -4.31
O5' 5GP F . -7.79 6.60 -2.46
C5' 5GP F . -8.33 7.72 -1.81
C4' 5GP F . -7.29 8.37 -0.90
O4' 5GP F . -6.70 7.39 -0.06
C3' 5GP F . -6.17 8.88 -1.71
O3' 5GP F . -5.53 9.83 -0.95
C2' 5GP F . -5.27 7.69 -1.81
O2' 5GP F . -3.99 8.18 -2.01
C1' 5GP F . -5.34 7.17 -0.44
N9 5GP F . -5.38 5.76 -0.27
C8 5GP F . -6.13 4.87 -0.86
N7 5GP F . -5.85 3.68 -0.34
C5 5GP F . -4.94 3.84 0.60
C6 5GP F . -4.34 2.97 1.40
O6 5GP F . -4.59 1.79 1.37
N1 5GP F . -3.39 3.41 2.29
C2 5GP F . -3.13 4.77 2.31
N2 5GP F . -2.24 5.21 3.16
N3 5GP F . -3.75 5.61 1.49
C4 5GP F . -4.65 5.14 0.64
P AMP G . -2.94 7.12 -2.51
O1P AMP G . -3.34 5.78 -1.84
O2P AMP G . -1.51 7.50 -1.92
O5' AMP G . -3.01 7.06 -4.02
C5' AMP G . -3.11 5.76 -4.55
C4' AMP G . -4.36 5.54 -5.36
O4' AMP G . -4.19 4.24 -5.90
C3' AMP G . -5.55 5.42 -4.44
O3' AMP G . -6.52 6.45 -4.70
C2' AMP G . -6.12 4.13 -4.84
O2' AMP G . -6.73 4.41 -6.05
C1' AMP G . -4.97 3.32 -5.17
N9 AMP G . -4.30 2.77 -4.03
C8 AMP G . -3.36 3.25 -3.25
N7 AMP G . -3.09 2.32 -2.35
C5 AMP G . -3.85 1.28 -2.60
C6 AMP G . -3.93 0.13 -2.01
N6 AMP G . -3.16 -0.05 -0.99
N1 AMP G . -4.79 -0.78 -2.42
C2 AMP G . -5.60 -0.52 -3.49
N3 AMP G . -5.48 0.69 -4.10
C4 AMP G . -4.60 1.56 -3.63
#